data_3PEG
#
_entry.id   3PEG
#
_cell.length_a   104.600
_cell.length_b   104.600
_cell.length_c   116.300
_cell.angle_alpha   90.00
_cell.angle_beta   90.00
_cell.angle_gamma   120.00
#
_symmetry.space_group_name_H-M   'P 64 2 2'
#
loop_
_entity.id
_entity.type
_entity.pdbx_description
1 polymer Neurofibromin
2 non-polymer 'SULFATE ION'
3 non-polymer 'MAGNESIUM ION'
4 non-polymer '(1S)-2-{[(2-AMINOETHOXY)(HYDROXY)PHOSPHORYL]OXY}-1-[(PALMITOYLOXY)METHYL]ETHYL STEARATE'
5 water water
#
_entity_poly.entity_id   1
_entity_poly.type   'polypeptide(L)'
_entity_poly.pdbx_seq_one_letter_code
;GAMGSSKFEEFMTRHQVHEKEEFKALKTLSIFYQAGTSKAGNPIFYYVARRFKTGQINGDLLIYHVLLTLKPYYAKPYEI
VVDLTHTGPSNRFKTDFLSKWFVVFPGFAYDNVSAVYIYNCNSWVREYTKYHERLLTGLKGSKRLVFIDCPGKLAEHIEH
EQQKLPAATLALGHEQQKLPAATLALEEDLKVFHNALKLAHKDTKVSIKVGSTAVQVTSAERTKVLGQSVFLNDIYYASE
IEEICLVDENQFTLTIANQGTPLTFMHQECEAIVQSIIHIRTRWELSQPD
;
_entity_poly.pdbx_strand_id   A
#
loop_
_chem_comp.id
_chem_comp.type
_chem_comp.name
_chem_comp.formula
MG non-polymer 'MAGNESIUM ION' 'Mg 2'
PEV non-polymer '(1S)-2-{[(2-AMINOETHOXY)(HYDROXY)PHOSPHORYL]OXY}-1-[(PALMITOYLOXY)METHYL]ETHYL STEARATE' 'C39 H78 N O8 P'
SO4 non-polymer 'SULFATE ION' 'O4 S -2'
#
# COMPACT_ATOMS: atom_id res chain seq x y z
N LYS A 24 -9.02 -23.50 4.24
CA LYS A 24 -9.02 -22.81 5.53
C LYS A 24 -7.61 -22.36 5.91
N ALA A 25 -6.62 -23.09 5.42
CA ALA A 25 -5.23 -22.83 5.79
C ALA A 25 -4.45 -22.13 4.68
N LEU A 26 -4.18 -22.83 3.60
CA LEU A 26 -3.39 -22.32 2.49
C LEU A 26 -3.72 -20.87 2.14
N LYS A 27 -4.98 -20.49 2.36
CA LYS A 27 -5.42 -19.14 2.10
C LYS A 27 -4.60 -18.12 2.89
N THR A 28 -3.90 -18.60 3.91
CA THR A 28 -3.16 -17.73 4.81
C THR A 28 -1.64 -17.84 4.67
N LEU A 29 -1.18 -18.64 3.71
CA LEU A 29 0.26 -18.79 3.50
C LEU A 29 0.79 -17.82 2.44
N SER A 30 -0.11 -17.30 1.62
CA SER A 30 0.27 -16.34 0.58
C SER A 30 0.51 -14.96 1.18
N ILE A 31 -0.03 -14.75 2.39
CA ILE A 31 0.13 -13.47 3.06
C ILE A 31 1.56 -13.28 3.56
N PHE A 32 2.12 -14.32 4.17
CA PHE A 32 3.47 -14.27 4.71
C PHE A 32 4.21 -15.57 4.41
N TYR A 33 5.45 -15.45 3.92
CA TYR A 33 6.26 -16.62 3.56
C TYR A 33 7.74 -16.27 3.45
N GLN A 34 8.58 -17.29 3.56
CA GLN A 34 10.02 -17.12 3.39
C GLN A 34 10.41 -17.38 1.93
N ALA A 35 11.30 -16.55 1.39
CA ALA A 35 11.70 -16.67 0.00
C ALA A 35 12.98 -15.88 -0.33
N GLY A 36 14.07 -16.61 -0.57
CA GLY A 36 15.32 -15.99 -0.98
C GLY A 36 16.25 -15.64 0.16
N THR A 37 17.45 -15.18 -0.19
CA THR A 37 18.43 -14.76 0.80
C THR A 37 18.98 -13.38 0.45
N SER A 38 18.97 -12.49 1.42
CA SER A 38 19.47 -11.13 1.24
C SER A 38 20.87 -11.11 0.62
N LYS A 39 21.22 -10.00 0.00
CA LYS A 39 22.55 -9.82 -0.56
C LYS A 39 23.59 -9.93 0.54
N ALA A 40 23.15 -9.67 1.77
CA ALA A 40 24.03 -9.73 2.93
C ALA A 40 24.03 -11.13 3.56
N GLY A 41 23.35 -12.07 2.92
CA GLY A 41 23.36 -13.45 3.36
C GLY A 41 22.32 -13.81 4.40
N ASN A 42 21.29 -12.97 4.55
CA ASN A 42 20.23 -13.23 5.51
C ASN A 42 18.93 -13.70 4.86
N PRO A 43 18.21 -14.61 5.54
CA PRO A 43 16.91 -15.09 5.04
C PRO A 43 15.90 -13.96 4.92
N ILE A 44 15.14 -13.96 3.82
CA ILE A 44 14.14 -12.92 3.60
C ILE A 44 12.72 -13.45 3.69
N PHE A 45 11.84 -12.69 4.33
CA PHE A 45 10.44 -13.04 4.45
C PHE A 45 9.57 -11.94 3.84
N TYR A 46 8.46 -12.32 3.23
CA TYR A 46 7.57 -11.36 2.58
C TYR A 46 6.21 -11.30 3.24
N TYR A 47 5.79 -10.10 3.60
CA TYR A 47 4.42 -9.87 4.03
C TYR A 47 3.67 -9.12 2.93
N VAL A 48 2.74 -9.78 2.28
CA VAL A 48 1.94 -9.17 1.22
C VAL A 48 0.64 -8.63 1.82
N ALA A 49 0.61 -7.34 2.09
CA ALA A 49 -0.47 -6.72 2.88
C ALA A 49 -1.86 -6.89 2.29
N ARG A 50 -1.96 -6.78 0.96
CA ARG A 50 -3.23 -6.85 0.25
C ARG A 50 -3.88 -8.23 0.29
N ARG A 51 -3.14 -9.23 0.78
CA ARG A 51 -3.68 -10.58 0.92
C ARG A 51 -4.54 -10.72 2.17
N PHE A 52 -4.26 -9.90 3.17
CA PHE A 52 -4.97 -9.96 4.43
C PHE A 52 -6.22 -9.08 4.44
N LYS A 53 -7.39 -9.71 4.56
CA LYS A 53 -8.65 -8.99 4.69
C LYS A 53 -9.18 -9.10 6.12
N THR A 54 -9.09 -8.00 6.88
CA THR A 54 -9.57 -7.98 8.25
C THR A 54 -11.03 -8.43 8.33
N GLY A 55 -11.31 -9.38 9.22
CA GLY A 55 -12.64 -9.94 9.36
C GLY A 55 -12.78 -11.24 8.61
N GLN A 56 -12.21 -11.31 7.41
CA GLN A 56 -12.26 -12.51 6.59
C GLN A 56 -11.21 -13.52 7.02
N ILE A 57 -10.10 -13.02 7.55
CA ILE A 57 -9.04 -13.89 8.04
C ILE A 57 -8.89 -13.76 9.55
N ASN A 58 -8.94 -14.88 10.26
CA ASN A 58 -8.78 -14.89 11.70
C ASN A 58 -7.40 -14.35 12.10
N GLY A 59 -7.39 -13.37 13.00
CA GLY A 59 -6.17 -12.73 13.40
C GLY A 59 -5.15 -13.66 14.05
N ASP A 60 -5.62 -14.40 15.04
CA ASP A 60 -4.76 -15.32 15.78
C ASP A 60 -4.14 -16.39 14.88
N LEU A 61 -4.89 -16.82 13.87
CA LEU A 61 -4.39 -17.80 12.90
C LEU A 61 -3.21 -17.24 12.13
N LEU A 62 -3.34 -15.99 11.70
CA LEU A 62 -2.28 -15.32 10.96
C LEU A 62 -1.02 -15.19 11.81
N ILE A 63 -1.18 -14.72 13.05
CA ILE A 63 -0.04 -14.58 13.94
C ILE A 63 0.66 -15.92 14.14
N TYR A 64 -0.13 -16.96 14.39
CA TYR A 64 0.40 -18.30 14.62
C TYR A 64 1.18 -18.79 13.41
N HIS A 65 0.62 -18.55 12.22
CA HIS A 65 1.31 -18.81 10.97
C HIS A 65 2.65 -18.08 10.91
N VAL A 66 2.64 -16.79 11.21
CA VAL A 66 3.85 -15.99 11.08
C VAL A 66 4.91 -16.52 12.05
N LEU A 67 4.48 -16.79 13.27
CA LEU A 67 5.36 -17.30 14.31
C LEU A 67 6.03 -18.62 13.92
N LEU A 68 5.23 -19.55 13.41
CA LEU A 68 5.75 -20.85 12.98
C LEU A 68 6.70 -20.72 11.79
N THR A 69 6.48 -19.72 10.94
CA THR A 69 7.32 -19.50 9.78
C THR A 69 8.68 -18.92 10.19
N LEU A 70 8.65 -18.05 11.19
CA LEU A 70 9.84 -17.37 11.67
C LEU A 70 10.61 -18.22 12.69
N LYS A 71 9.93 -19.17 13.30
CA LYS A 71 10.51 -19.95 14.40
C LYS A 71 11.90 -20.53 14.12
N PRO A 72 12.08 -21.15 12.94
CA PRO A 72 13.38 -21.77 12.62
C PRO A 72 14.44 -20.77 12.17
N TYR A 73 14.18 -19.47 12.27
CA TYR A 73 15.11 -18.48 11.76
C TYR A 73 15.38 -17.30 12.71
N TYR A 74 14.37 -16.90 13.46
CA TYR A 74 14.41 -15.62 14.19
C TYR A 74 15.32 -15.61 15.43
N ALA A 75 16.19 -16.60 15.53
CA ALA A 75 17.23 -16.59 16.55
C ALA A 75 18.51 -16.04 15.94
N LYS A 76 18.44 -15.79 14.63
CA LYS A 76 19.56 -15.21 13.90
C LYS A 76 19.06 -14.05 13.07
N PRO A 77 19.99 -13.20 12.59
CA PRO A 77 19.59 -12.06 11.75
C PRO A 77 18.74 -12.50 10.55
N TYR A 78 17.63 -11.83 10.34
CA TYR A 78 16.78 -12.08 9.18
C TYR A 78 16.16 -10.78 8.69
N GLU A 79 15.62 -10.80 7.47
CA GLU A 79 15.11 -9.59 6.85
C GLU A 79 13.66 -9.74 6.38
N ILE A 80 12.92 -8.64 6.42
CA ILE A 80 11.51 -8.64 6.06
C ILE A 80 11.20 -7.63 4.95
N VAL A 81 10.43 -8.08 3.96
CA VAL A 81 9.97 -7.20 2.87
C VAL A 81 8.46 -6.98 3.00
N VAL A 82 8.08 -5.78 3.43
CA VAL A 82 6.68 -5.40 3.53
C VAL A 82 6.16 -4.90 2.19
N ASP A 83 5.17 -5.59 1.63
CA ASP A 83 4.57 -5.20 0.35
C ASP A 83 3.25 -4.47 0.59
N LEU A 84 3.24 -3.17 0.34
CA LEU A 84 2.07 -2.35 0.67
C LEU A 84 1.24 -1.89 -0.53
N THR A 85 1.53 -2.40 -1.71
CA THR A 85 0.81 -1.98 -2.89
C THR A 85 -0.69 -2.21 -2.75
N HIS A 86 -1.48 -1.16 -2.96
CA HIS A 86 -2.92 -1.24 -2.89
C HIS A 86 -3.41 -1.68 -1.52
N THR A 87 -2.76 -1.17 -0.49
CA THR A 87 -3.16 -1.43 0.89
C THR A 87 -4.14 -0.35 1.30
N GLY A 88 -5.29 -0.78 1.82
CA GLY A 88 -6.31 0.15 2.25
C GLY A 88 -6.90 -0.24 3.59
N PRO A 89 -8.01 0.40 3.97
CA PRO A 89 -8.72 0.17 5.23
C PRO A 89 -9.07 -1.30 5.45
N SER A 90 -9.43 -2.01 4.38
CA SER A 90 -9.84 -3.41 4.48
C SER A 90 -8.66 -4.34 4.78
N ASN A 91 -7.44 -3.86 4.54
CA ASN A 91 -6.25 -4.62 4.81
C ASN A 91 -5.66 -4.28 6.18
N ARG A 92 -6.30 -3.35 6.89
CA ARG A 92 -5.75 -2.81 8.13
C ARG A 92 -5.79 -3.80 9.29
N PHE A 93 -4.89 -3.61 10.26
CA PHE A 93 -5.00 -4.28 11.54
C PHE A 93 -5.77 -3.38 12.50
N LYS A 94 -6.91 -3.87 12.99
CA LYS A 94 -7.63 -3.16 14.04
C LYS A 94 -6.64 -2.86 15.18
N THR A 95 -6.80 -1.70 15.81
CA THR A 95 -5.87 -1.26 16.85
C THR A 95 -5.56 -2.34 17.87
N ASP A 96 -6.60 -3.02 18.36
CA ASP A 96 -6.42 -4.05 19.37
C ASP A 96 -5.73 -5.31 18.83
N PHE A 97 -5.74 -5.50 17.52
CA PHE A 97 -5.03 -6.62 16.90
C PHE A 97 -3.59 -6.24 16.61
N LEU A 98 -3.38 -4.97 16.31
CA LEU A 98 -2.04 -4.46 16.04
C LEU A 98 -1.17 -4.59 17.28
N SER A 99 -1.79 -4.40 18.44
CA SER A 99 -1.09 -4.50 19.72
C SER A 99 -0.54 -5.90 19.97
N LYS A 100 -1.29 -6.91 19.54
CA LYS A 100 -0.91 -8.30 19.75
C LYS A 100 0.47 -8.62 19.17
N TRP A 101 0.79 -7.98 18.05
CA TRP A 101 2.05 -8.22 17.36
C TRP A 101 3.26 -7.73 18.15
N PHE A 102 3.02 -6.90 19.16
CA PHE A 102 4.10 -6.30 19.92
C PHE A 102 4.50 -7.10 21.15
N VAL A 103 3.79 -8.19 21.42
CA VAL A 103 4.03 -8.96 22.64
C VAL A 103 3.97 -10.48 22.44
N VAL A 104 3.63 -10.93 21.23
CA VAL A 104 3.48 -12.36 20.97
C VAL A 104 4.78 -13.05 20.56
N PHE A 105 5.76 -12.25 20.12
CA PHE A 105 7.06 -12.79 19.75
C PHE A 105 8.07 -12.55 20.86
N PRO A 106 9.03 -13.47 21.02
CA PRO A 106 10.11 -13.30 22.00
C PRO A 106 10.95 -12.07 21.67
N GLY A 107 11.58 -11.49 22.67
CA GLY A 107 12.33 -10.25 22.50
C GLY A 107 13.34 -10.30 21.37
N PHE A 108 14.19 -11.31 21.38
CA PHE A 108 15.23 -11.46 20.37
C PHE A 108 14.68 -11.50 18.94
N ALA A 109 13.41 -11.88 18.81
CA ALA A 109 12.80 -11.94 17.48
C ALA A 109 12.72 -10.55 16.86
N TYR A 110 12.40 -9.56 17.67
CA TYR A 110 12.33 -8.17 17.21
C TYR A 110 13.72 -7.59 16.96
N ASP A 111 14.66 -7.91 17.83
CA ASP A 111 16.02 -7.39 17.72
C ASP A 111 16.77 -7.98 16.52
N ASN A 112 16.51 -9.25 16.22
CA ASN A 112 17.23 -9.95 15.16
C ASN A 112 16.82 -9.50 13.76
N VAL A 113 15.74 -8.74 13.66
CA VAL A 113 15.34 -8.15 12.39
C VAL A 113 16.39 -7.12 11.99
N SER A 114 17.14 -7.43 10.93
CA SER A 114 18.25 -6.58 10.52
C SER A 114 17.83 -5.51 9.52
N ALA A 115 16.73 -5.77 8.81
CA ALA A 115 16.25 -4.85 7.78
C ALA A 115 14.79 -5.05 7.44
N VAL A 116 14.09 -3.95 7.17
CA VAL A 116 12.69 -4.00 6.78
C VAL A 116 12.44 -3.12 5.56
N TYR A 117 12.37 -3.74 4.39
CA TYR A 117 12.15 -3.02 3.14
C TYR A 117 10.67 -2.79 2.88
N ILE A 118 10.26 -1.53 2.89
CA ILE A 118 8.87 -1.16 2.67
C ILE A 118 8.63 -0.77 1.20
N TYR A 119 7.70 -1.46 0.56
CA TYR A 119 7.47 -1.31 -0.87
C TYR A 119 6.07 -0.79 -1.20
N ASN A 120 6.01 0.21 -2.07
CA ASN A 120 4.74 0.80 -2.48
C ASN A 120 3.87 1.34 -1.34
N CYS A 121 4.50 2.08 -0.41
CA CYS A 121 3.76 2.76 0.64
C CYS A 121 2.83 3.80 0.00
N ASN A 122 1.63 3.95 0.54
CA ASN A 122 0.65 4.87 -0.03
C ASN A 122 0.00 5.80 0.99
N SER A 123 -0.84 6.71 0.49
CA SER A 123 -1.47 7.73 1.34
C SER A 123 -2.17 7.16 2.56
N TRP A 124 -2.90 6.06 2.38
CA TRP A 124 -3.62 5.44 3.48
C TRP A 124 -2.68 4.95 4.57
N VAL A 125 -1.63 4.25 4.17
CA VAL A 125 -0.65 3.75 5.13
C VAL A 125 -0.08 4.88 5.96
N ARG A 126 0.13 6.01 5.31
CA ARG A 126 0.66 7.20 5.97
C ARG A 126 -0.27 7.67 7.08
N GLU A 127 -1.57 7.77 6.76
CA GLU A 127 -2.58 8.12 7.74
C GLU A 127 -2.71 7.03 8.80
N TYR A 128 -2.46 5.77 8.41
CA TYR A 128 -2.59 4.65 9.32
C TYR A 128 -1.47 4.70 10.36
N THR A 129 -0.27 5.04 9.92
CA THR A 129 0.90 5.10 10.77
C THR A 129 0.91 6.37 11.64
N LYS A 130 0.27 7.43 11.15
CA LYS A 130 0.14 8.67 11.93
C LYS A 130 -0.90 8.51 13.02
N TYR A 131 -2.00 7.86 12.67
CA TYR A 131 -3.05 7.53 13.63
C TYR A 131 -2.49 6.65 14.75
N HIS A 132 -1.58 5.74 14.37
CA HIS A 132 -0.98 4.81 15.32
C HIS A 132 0.45 5.23 15.71
N GLU A 133 0.80 6.49 15.50
CA GLU A 133 2.17 6.97 15.73
C GLU A 133 2.69 6.74 17.14
N ARG A 134 1.80 6.82 18.14
CA ARG A 134 2.20 6.63 19.52
C ARG A 134 2.58 5.18 19.84
N LEU A 135 1.98 4.25 19.10
CA LEU A 135 2.33 2.84 19.25
C LEU A 135 3.61 2.53 18.49
N LEU A 136 3.73 3.13 17.31
CA LEU A 136 4.84 2.85 16.40
C LEU A 136 6.05 3.75 16.64
N THR A 137 6.18 4.29 17.85
CA THR A 137 7.32 5.16 18.18
C THR A 137 8.65 4.47 17.91
N GLY A 138 8.73 3.18 18.22
CA GLY A 138 9.95 2.41 18.03
C GLY A 138 10.42 2.37 16.58
N LEU A 139 9.50 2.45 15.64
CA LEU A 139 9.83 2.40 14.23
C LEU A 139 10.15 3.79 13.68
N LYS A 140 9.71 4.82 14.40
CA LYS A 140 9.87 6.21 13.95
C LYS A 140 11.34 6.56 13.73
N GLY A 141 11.66 6.93 12.50
CA GLY A 141 13.04 7.27 12.14
C GLY A 141 14.02 6.15 12.45
N SER A 142 13.60 4.91 12.23
CA SER A 142 14.44 3.76 12.51
C SER A 142 15.42 3.49 11.37
N LYS A 143 16.63 3.08 11.72
CA LYS A 143 17.68 2.82 10.74
C LYS A 143 17.42 1.53 9.96
N ARG A 144 16.66 0.62 10.56
CA ARG A 144 16.40 -0.68 9.95
C ARG A 144 15.26 -0.64 8.95
N LEU A 145 14.47 0.43 8.97
CA LEU A 145 13.36 0.60 8.03
C LEU A 145 13.81 1.31 6.76
N VAL A 146 13.78 0.57 5.65
CA VAL A 146 14.18 1.12 4.37
C VAL A 146 12.98 1.25 3.43
N PHE A 147 12.59 2.48 3.13
CA PHE A 147 11.50 2.73 2.19
C PHE A 147 12.01 2.71 0.76
N ILE A 148 11.60 1.69 0.00
CA ILE A 148 12.01 1.56 -1.39
C ILE A 148 11.34 2.62 -2.27
N ASP A 149 12.13 3.55 -2.78
CA ASP A 149 11.61 4.72 -3.49
C ASP A 149 11.36 4.48 -4.99
N CYS A 150 11.64 3.28 -5.46
CA CYS A 150 11.33 2.91 -6.84
C CYS A 150 11.32 1.39 -7.04
N PRO A 151 10.24 0.87 -7.66
CA PRO A 151 9.96 -0.56 -7.86
C PRO A 151 11.17 -1.37 -8.32
N GLY A 152 12.09 -0.73 -9.03
CA GLY A 152 13.28 -1.41 -9.51
C GLY A 152 14.29 -1.66 -8.40
N LYS A 153 14.43 -2.92 -8.02
CA LYS A 153 15.35 -3.30 -6.95
C LYS A 153 16.12 -4.57 -7.32
N GLN A 177 -8.64 -19.24 -9.45
CA GLN A 177 -9.34 -18.32 -10.33
C GLN A 177 -9.55 -16.97 -9.67
N LYS A 178 -8.55 -16.09 -9.78
CA LYS A 178 -8.61 -14.78 -9.16
C LYS A 178 -7.76 -13.77 -9.92
N LEU A 179 -8.40 -12.71 -10.41
CA LEU A 179 -7.70 -11.68 -11.18
C LEU A 179 -6.57 -11.06 -10.38
N PRO A 180 -5.34 -11.13 -10.91
CA PRO A 180 -4.19 -10.49 -10.28
C PRO A 180 -4.49 -9.02 -9.97
N ALA A 181 -4.88 -8.28 -11.01
CA ALA A 181 -5.30 -6.89 -10.86
C ALA A 181 -4.14 -5.96 -10.53
N ALA A 182 -3.51 -6.18 -9.37
CA ALA A 182 -2.40 -5.36 -8.92
C ALA A 182 -1.23 -5.41 -9.89
N THR A 183 -0.89 -6.61 -10.35
CA THR A 183 0.21 -6.78 -11.29
C THR A 183 -0.16 -6.30 -12.69
N LEU A 184 -1.42 -6.53 -13.06
CA LEU A 184 -1.93 -6.07 -14.34
C LEU A 184 -1.91 -4.54 -14.40
N ALA A 185 -2.30 -3.92 -13.29
CA ALA A 185 -2.37 -2.46 -13.22
C ALA A 185 -0.99 -1.81 -13.33
N LEU A 186 0.03 -2.50 -12.83
CA LEU A 186 1.38 -1.96 -12.83
C LEU A 186 2.18 -2.32 -14.08
N GLU A 187 1.53 -2.93 -15.05
CA GLU A 187 2.23 -3.36 -16.26
C GLU A 187 1.49 -2.99 -17.54
N GLU A 188 0.30 -2.41 -17.39
CA GLU A 188 -0.46 -1.98 -18.56
C GLU A 188 -0.07 -0.56 -18.99
N ASP A 189 -0.38 -0.23 -20.24
CA ASP A 189 -0.04 1.08 -20.78
C ASP A 189 -0.72 2.20 -20.01
N LEU A 190 -0.09 3.37 -19.96
CA LEU A 190 -0.59 4.45 -19.11
C LEU A 190 -0.61 5.80 -19.82
N LYS A 191 -1.55 6.65 -19.40
CA LYS A 191 -1.51 8.07 -19.72
C LYS A 191 -0.99 8.81 -18.49
N VAL A 192 0.17 9.43 -18.62
CA VAL A 192 0.83 10.04 -17.47
C VAL A 192 0.74 11.57 -17.47
N PHE A 193 0.13 12.11 -16.43
CA PHE A 193 -0.03 13.55 -16.27
C PHE A 193 0.87 14.09 -15.17
N HIS A 194 2.00 14.66 -15.57
CA HIS A 194 2.99 15.18 -14.62
C HIS A 194 2.64 16.57 -14.13
N ASN A 195 3.34 17.01 -13.09
CA ASN A 195 3.15 18.34 -12.51
C ASN A 195 1.71 18.61 -12.08
N ALA A 196 1.04 17.57 -11.58
CA ALA A 196 -0.28 17.72 -11.01
C ALA A 196 -0.13 18.17 -9.56
N LEU A 197 -1.22 18.62 -8.95
CA LEU A 197 -1.17 19.11 -7.58
C LEU A 197 -2.25 18.48 -6.69
N LYS A 198 -1.81 17.73 -5.69
CA LYS A 198 -2.73 17.14 -4.73
C LYS A 198 -3.00 18.10 -3.58
N LEU A 199 -4.24 18.55 -3.47
CA LEU A 199 -4.63 19.51 -2.45
C LEU A 199 -5.00 18.84 -1.13
N ALA A 200 -4.28 19.19 -0.08
CA ALA A 200 -4.55 18.68 1.27
C ALA A 200 -4.23 19.76 2.29
N HIS A 201 -3.89 19.35 3.51
CA HIS A 201 -3.42 20.31 4.51
C HIS A 201 -2.25 21.06 3.91
N LYS A 202 -1.29 20.32 3.36
CA LYS A 202 -0.22 20.91 2.58
C LYS A 202 -0.18 20.25 1.20
N ASP A 203 -0.38 21.06 0.16
CA ASP A 203 -0.42 20.57 -1.21
C ASP A 203 0.88 19.86 -1.57
N THR A 204 0.79 18.90 -2.50
CA THR A 204 1.96 18.11 -2.89
C THR A 204 1.98 17.82 -4.38
N LYS A 205 3.16 17.93 -4.99
CA LYS A 205 3.35 17.57 -6.38
C LYS A 205 3.10 16.08 -6.57
N VAL A 206 2.27 15.73 -7.56
CA VAL A 206 1.96 14.33 -7.83
C VAL A 206 1.82 14.07 -9.32
N SER A 207 2.00 12.82 -9.72
CA SER A 207 1.74 12.42 -11.10
C SER A 207 0.48 11.57 -11.14
N ILE A 208 -0.36 11.78 -12.13
CA ILE A 208 -1.60 11.03 -12.25
C ILE A 208 -1.55 10.08 -13.44
N LYS A 209 -1.45 8.79 -13.16
CA LYS A 209 -1.26 7.78 -14.19
C LYS A 209 -2.54 6.97 -14.41
N VAL A 210 -3.13 7.10 -15.59
CA VAL A 210 -4.37 6.41 -15.92
C VAL A 210 -4.14 5.21 -16.83
N GLY A 211 -4.31 4.00 -16.27
CA GLY A 211 -4.18 2.78 -17.04
C GLY A 211 -5.52 2.38 -17.63
N SER A 212 -5.64 1.11 -18.02
CA SER A 212 -6.91 0.60 -18.54
C SER A 212 -7.79 0.03 -17.44
N THR A 213 -7.20 -0.29 -16.29
CA THR A 213 -7.94 -0.93 -15.22
C THR A 213 -7.74 -0.23 -13.88
N ALA A 214 -6.81 0.72 -13.84
CA ALA A 214 -6.49 1.39 -12.59
C ALA A 214 -5.91 2.79 -12.77
N VAL A 215 -5.86 3.54 -11.68
CA VAL A 215 -5.29 4.89 -11.69
C VAL A 215 -4.27 5.03 -10.57
N GLN A 216 -3.09 5.53 -10.93
CA GLN A 216 -2.03 5.69 -9.96
C GLN A 216 -1.75 7.16 -9.70
N VAL A 217 -1.61 7.53 -8.44
CA VAL A 217 -1.13 8.87 -8.13
C VAL A 217 0.23 8.74 -7.45
N THR A 218 1.28 9.15 -8.16
CA THR A 218 2.63 9.04 -7.61
C THR A 218 3.18 10.39 -7.17
N SER A 219 3.53 10.47 -5.89
CA SER A 219 4.07 11.71 -5.35
C SER A 219 5.37 12.09 -6.05
N ALA A 220 5.46 13.34 -6.48
CA ALA A 220 6.65 13.86 -7.13
C ALA A 220 7.62 14.46 -6.12
N GLU A 221 7.15 14.64 -4.89
CA GLU A 221 8.00 15.16 -3.82
C GLU A 221 7.80 14.36 -2.53
N ARG A 222 8.85 14.27 -1.72
CA ARG A 222 8.81 13.43 -0.52
C ARG A 222 7.78 13.89 0.52
N THR A 223 7.29 12.94 1.29
CA THR A 223 6.38 13.23 2.39
C THR A 223 6.74 12.41 3.64
N LYS A 224 6.42 12.94 4.81
CA LYS A 224 6.83 12.33 6.07
C LYS A 224 6.01 11.09 6.44
N VAL A 225 6.71 9.98 6.63
CA VAL A 225 6.10 8.72 7.04
C VAL A 225 7.00 8.01 8.06
N LEU A 226 6.47 7.78 9.26
CA LEU A 226 7.23 7.17 10.35
C LEU A 226 8.59 7.83 10.54
N GLY A 227 8.63 9.15 10.45
CA GLY A 227 9.85 9.90 10.68
C GLY A 227 10.75 10.04 9.47
N GLN A 228 10.36 9.45 8.35
CA GLN A 228 11.20 9.51 7.14
C GLN A 228 10.50 10.21 5.97
N SER A 229 11.29 10.87 5.13
CA SER A 229 10.79 11.47 3.90
C SER A 229 10.76 10.40 2.81
N VAL A 230 9.57 10.06 2.33
CA VAL A 230 9.43 8.98 1.35
C VAL A 230 8.51 9.34 0.19
N PHE A 231 8.53 8.52 -0.85
CA PHE A 231 7.60 8.67 -1.96
C PHE A 231 6.41 7.74 -1.79
N LEU A 232 5.24 8.21 -2.20
CA LEU A 232 4.03 7.39 -2.10
C LEU A 232 3.50 7.01 -3.48
N ASN A 233 2.84 5.86 -3.55
CA ASN A 233 2.23 5.41 -4.79
C ASN A 233 0.86 4.79 -4.55
N ASP A 234 -0.18 5.59 -4.77
CA ASP A 234 -1.55 5.11 -4.59
C ASP A 234 -2.04 4.36 -5.82
N ILE A 235 -2.84 3.33 -5.58
CA ILE A 235 -3.40 2.52 -6.67
C ILE A 235 -4.91 2.36 -6.50
N TYR A 236 -5.68 2.91 -7.44
CA TYR A 236 -7.14 2.81 -7.40
C TYR A 236 -7.69 2.06 -8.61
N TYR A 237 -8.17 0.84 -8.36
CA TYR A 237 -8.81 0.04 -9.39
C TYR A 237 -10.05 0.77 -9.90
N ALA A 238 -10.38 0.58 -11.18
CA ALA A 238 -11.55 1.25 -11.72
C ALA A 238 -12.81 0.91 -10.91
N SER A 239 -12.78 -0.23 -10.23
CA SER A 239 -13.90 -0.68 -9.41
C SER A 239 -14.03 0.11 -8.10
N GLU A 240 -13.06 0.98 -7.83
CA GLU A 240 -13.04 1.71 -6.58
C GLU A 240 -13.46 3.17 -6.74
N ILE A 241 -13.42 3.67 -7.97
CA ILE A 241 -13.85 5.04 -8.25
C ILE A 241 -15.37 5.15 -8.18
N GLU A 242 -15.88 5.64 -7.05
CA GLU A 242 -17.31 5.80 -6.87
C GLU A 242 -17.84 7.02 -7.62
N GLU A 243 -17.12 8.13 -7.51
CA GLU A 243 -17.50 9.35 -8.21
C GLU A 243 -16.27 10.09 -8.73
N ILE A 244 -16.46 10.84 -9.81
CA ILE A 244 -15.38 11.63 -10.40
C ILE A 244 -15.96 12.92 -10.98
N CYS A 245 -15.81 14.03 -10.26
CA CYS A 245 -16.41 15.30 -10.67
C CYS A 245 -15.39 16.31 -11.19
N LEU A 246 -15.68 16.87 -12.37
CA LEU A 246 -14.85 17.90 -12.95
C LEU A 246 -15.29 19.28 -12.46
N VAL A 247 -14.49 19.89 -11.60
CA VAL A 247 -14.84 21.18 -10.98
C VAL A 247 -14.62 22.36 -11.93
N ASP A 248 -13.51 22.33 -12.66
CA ASP A 248 -13.23 23.35 -13.68
C ASP A 248 -12.19 22.86 -14.68
N GLU A 249 -11.73 23.76 -15.55
CA GLU A 249 -10.81 23.38 -16.63
C GLU A 249 -9.52 22.75 -16.13
N ASN A 250 -9.12 23.09 -14.91
CA ASN A 250 -7.92 22.50 -14.31
C ASN A 250 -8.09 22.15 -12.84
N GLN A 251 -9.18 21.46 -12.52
CA GLN A 251 -9.42 20.94 -11.17
C GLN A 251 -10.50 19.87 -11.21
N PHE A 252 -10.38 18.88 -10.32
CA PHE A 252 -11.37 17.81 -10.23
C PHE A 252 -11.21 17.03 -8.94
N THR A 253 -12.25 16.31 -8.55
CA THR A 253 -12.23 15.51 -7.34
C THR A 253 -12.42 14.03 -7.66
N LEU A 254 -11.96 13.18 -6.76
CA LEU A 254 -12.04 11.73 -6.95
C LEU A 254 -12.39 11.01 -5.65
N THR A 255 -13.56 10.41 -5.60
CA THR A 255 -14.02 9.71 -4.41
C THR A 255 -13.69 8.21 -4.49
N ILE A 256 -12.84 7.75 -3.57
CA ILE A 256 -12.44 6.34 -3.57
C ILE A 256 -13.34 5.51 -2.64
N ALA A 257 -13.81 4.39 -3.17
CA ALA A 257 -14.68 3.50 -2.40
C ALA A 257 -14.04 3.09 -1.08
N ASN A 258 -14.85 3.05 -0.03
CA ASN A 258 -14.39 2.63 1.29
C ASN A 258 -13.42 3.61 1.95
N GLN A 259 -13.28 4.79 1.35
CA GLN A 259 -12.39 5.81 1.90
C GLN A 259 -13.08 7.18 2.00
N GLY A 260 -13.17 7.70 3.22
CA GLY A 260 -13.94 8.88 3.53
C GLY A 260 -13.81 10.09 2.62
N THR A 261 -12.80 10.92 2.88
CA THR A 261 -12.66 12.20 2.19
C THR A 261 -12.23 12.04 0.74
N PRO A 262 -12.96 12.70 -0.18
CA PRO A 262 -12.62 12.66 -1.61
C PRO A 262 -11.31 13.36 -1.92
N LEU A 263 -10.58 12.86 -2.90
CA LEU A 263 -9.31 13.44 -3.32
C LEU A 263 -9.55 14.61 -4.26
N THR A 264 -8.71 15.65 -4.16
CA THR A 264 -8.84 16.81 -5.04
C THR A 264 -7.52 17.10 -5.75
N PHE A 265 -7.59 17.31 -7.07
CA PHE A 265 -6.38 17.52 -7.85
C PHE A 265 -6.46 18.75 -8.75
N MET A 266 -5.29 19.27 -9.12
CA MET A 266 -5.18 20.35 -10.10
C MET A 266 -4.16 19.96 -11.16
N HIS A 267 -4.45 20.33 -12.40
CA HIS A 267 -3.56 20.02 -13.52
C HIS A 267 -4.04 20.70 -14.79
N GLN A 268 -3.09 21.13 -15.62
CA GLN A 268 -3.40 21.83 -16.86
C GLN A 268 -4.49 21.14 -17.68
N GLU A 269 -4.38 19.81 -17.79
CA GLU A 269 -5.29 19.04 -18.64
C GLU A 269 -6.29 18.22 -17.83
N CYS A 270 -6.98 18.86 -16.90
CA CYS A 270 -7.92 18.16 -16.03
C CYS A 270 -9.09 17.55 -16.80
N GLU A 271 -9.44 18.15 -17.92
CA GLU A 271 -10.51 17.62 -18.77
C GLU A 271 -10.15 16.24 -19.32
N ALA A 272 -8.95 16.14 -19.89
CA ALA A 272 -8.51 14.87 -20.46
C ALA A 272 -8.40 13.80 -19.39
N ILE A 273 -7.86 14.18 -18.23
CA ILE A 273 -7.72 13.27 -17.11
C ILE A 273 -9.08 12.72 -16.68
N VAL A 274 -10.00 13.63 -16.34
CA VAL A 274 -11.35 13.24 -15.91
C VAL A 274 -12.04 12.36 -16.94
N GLN A 275 -11.80 12.64 -18.22
CA GLN A 275 -12.47 11.95 -19.30
C GLN A 275 -11.94 10.52 -19.47
N SER A 276 -10.64 10.35 -19.33
CA SER A 276 -10.02 9.03 -19.47
C SER A 276 -10.37 8.12 -18.29
N ILE A 277 -10.49 8.70 -17.10
CA ILE A 277 -10.85 7.94 -15.91
C ILE A 277 -12.29 7.45 -16.01
N ILE A 278 -13.16 8.33 -16.50
CA ILE A 278 -14.55 7.98 -16.77
C ILE A 278 -14.63 6.85 -17.79
N HIS A 279 -13.69 6.82 -18.72
CA HIS A 279 -13.66 5.80 -19.76
C HIS A 279 -13.42 4.40 -19.18
N ILE A 280 -12.48 4.29 -18.26
CA ILE A 280 -12.11 2.99 -17.68
C ILE A 280 -13.13 2.53 -16.64
N ARG A 281 -13.69 3.47 -15.90
CA ARG A 281 -14.76 3.17 -14.97
C ARG A 281 -15.94 2.58 -15.72
N THR A 282 -16.16 3.09 -16.93
CA THR A 282 -17.25 2.61 -17.78
C THR A 282 -16.94 1.21 -18.28
N ARG A 283 -15.72 1.04 -18.79
CA ARG A 283 -15.28 -0.25 -19.33
C ARG A 283 -15.38 -1.35 -18.28
N TRP A 284 -15.22 -0.98 -17.01
CA TRP A 284 -15.32 -1.94 -15.92
C TRP A 284 -16.78 -2.29 -15.63
N GLU A 285 -17.62 -1.27 -15.55
CA GLU A 285 -19.04 -1.46 -15.27
C GLU A 285 -19.69 -2.36 -16.33
N LEU A 286 -19.26 -2.20 -17.57
CA LEU A 286 -19.82 -2.98 -18.68
C LEU A 286 -19.46 -4.46 -18.57
N SER A 287 -18.33 -4.75 -17.92
CA SER A 287 -17.84 -6.12 -17.80
C SER A 287 -18.40 -6.84 -16.58
N GLN A 288 -19.18 -6.12 -15.78
CA GLN A 288 -19.79 -6.71 -14.58
C GLN A 288 -21.05 -7.47 -14.93
N PRO A 289 -21.28 -8.61 -14.27
CA PRO A 289 -22.41 -9.51 -14.57
C PRO A 289 -23.77 -8.83 -14.40
N ASP A 290 -24.67 -9.07 -15.34
CA ASP A 290 -26.01 -8.50 -15.28
C ASP A 290 -26.88 -9.29 -14.31
S SO4 B . -1.72 -9.96 -7.30
O1 SO4 B . -2.42 -11.21 -7.65
O2 SO4 B . -2.42 -9.31 -6.21
O3 SO4 B . -1.70 -9.08 -8.46
O4 SO4 B . -0.36 -10.28 -6.90
S SO4 C . 4.45 16.09 5.81
O1 SO4 C . 4.27 14.66 6.04
O2 SO4 C . 3.51 16.52 4.77
O3 SO4 C . 5.82 16.35 5.39
O4 SO4 C . 4.17 16.81 7.05
S SO4 D . -10.14 0.24 14.54
O1 SO4 D . -9.68 -0.87 15.38
O2 SO4 D . -11.50 -0.04 14.09
O3 SO4 D . -9.27 0.38 13.39
O4 SO4 D . -10.12 1.47 15.32
S SO4 E . -1.90 16.11 4.96
O1 SO4 E . -2.11 14.76 5.48
O2 SO4 E . -1.15 16.03 3.70
O3 SO4 E . -1.15 16.91 5.92
O4 SO4 E . -3.20 16.73 4.69
S SO4 F . 16.99 0.95 15.33
O1 SO4 F . 17.15 1.36 16.73
O2 SO4 F . 17.14 2.12 14.47
O3 SO4 F . 15.66 0.38 15.15
O4 SO4 F . 18.00 -0.04 15.00
MG MG G . -9.96 -1.00 0.91
C48 PEV H . 9.48 -9.32 13.78
C47 PEV H . 8.22 -9.96 14.30
C46 PEV H . 6.99 -9.46 13.56
C45 PEV H . 7.10 -9.69 12.06
C44 PEV H . 5.73 -9.74 11.42
C43 PEV H . 5.81 -9.89 9.90
C42 PEV H . 5.65 -8.55 9.21
C41 PEV H . 4.27 -7.97 9.50
C40 PEV H . 4.16 -6.52 9.02
C39 PEV H . 2.79 -5.94 9.38
C38 PEV H . 2.61 -5.93 10.90
C37 PEV H . 3.75 -5.18 11.57
C36 PEV H . 3.70 -5.36 13.08
C35 PEV H . 4.95 -4.80 13.74
C34 PEV H . 5.16 -5.43 15.12
C33 PEV H . 6.51 -5.05 15.71
C32 PEV H . 6.68 -3.54 15.75
C31 PEV H . 7.95 -3.18 16.49
O31 PEV H . 8.04 -2.13 17.11
O2 PEV H . 9.06 -4.11 16.48
C2 PEV H . 10.15 -3.68 15.66
C1 PEV H . 11.07 -2.74 16.41
O3P PEV H . 10.75 -2.73 17.80
P PEV H . 10.93 -1.38 18.66
O1P PEV H . 9.84 -1.33 19.69
O2P PEV H . 11.14 -0.24 17.69
O4P PEV H . 12.33 -1.58 19.46
C4 PEV H . 12.53 -0.88 20.68
C5 PEV H . 13.99 -0.43 20.78
N6 PEV H . 14.22 0.65 19.84
C3 PEV H . 10.90 -4.93 15.21
O3 PEV H . 11.04 -4.93 13.80
C11 PEV H . 9.93 -5.36 12.96
O11 PEV H . 9.96 -6.50 12.50
C12 PEV H . 8.78 -4.44 12.64
C13 PEV H . 8.25 -4.75 11.26
C14 PEV H . 6.96 -3.99 10.96
C15 PEV H . 7.15 -2.97 9.83
C16 PEV H . 5.90 -2.16 9.60
C17 PEV H . 6.09 -1.14 8.48
C18 PEV H . 4.88 -0.22 8.36
C19 PEV H . 3.59 -1.00 8.09
C20 PEV H . 2.51 -0.59 9.08
C21 PEV H . 1.11 -0.88 8.55
C22 PEV H . 0.92 -2.36 8.21
C23 PEV H . -0.42 -2.58 7.51
C24 PEV H . -1.30 -3.53 8.31
#